data_5OQ3
#
_entry.id   5OQ3
#
_cell.length_a   62.016
_cell.length_b   65.639
_cell.length_c   104.010
_cell.angle_alpha   90.00
_cell.angle_beta   90.00
_cell.angle_gamma   90.00
#
_symmetry.space_group_name_H-M   'P 21 21 21'
#
loop_
_entity.id
_entity.type
_entity.pdbx_description
1 polymer Cwp19
2 non-polymer 'CHLORIDE ION'
3 non-polymer 1,2-ETHANEDIOL
4 non-polymer DI(HYDROXYETHYL)ETHER
5 water water
#
_entity_poly.entity_id   1
_entity_poly.type   'polypeptide(L)'
_entity_poly.pdbx_seq_one_letter_code
;MGSSHHHHHHSSGLVPRGSHMSNDKEMRAAWISTVYNLDWPKTKNNEAKQKKEYTDLLDKLKSVGINTAVVQVRPKSDAL
YKSNINPWSEYLTGTQGKDPGYDPLPFLIEEAHKRGMEFHAWFNPYRITMADESIDKLPANHPAKKNPSWVVKHGNKYYY
DPGLPEVRKYIVDSIAEVVQNYDIDGVHFDDYFYPGVSFNDTATYQKYGKGQNKDNWRRENVNTLLRDVKASIKSIKPNV
VFGVSPAGIWRNKSSDPTGSDTSGNESYVGTYADTRAWIKQGLIDYVVPQLYWPIGLKAADYSKLVAWWANEVKGTNVDL
YIGQGIYKQGQSSYGGQNIAKEIVQQVTLNRKYSEIKGSMYFSAKDIANSTSIQKDLKSLYSSSEEPVTPPSNVKV
;
_entity_poly.pdbx_strand_id   A
#
loop_
_chem_comp.id
_chem_comp.type
_chem_comp.name
_chem_comp.formula
CL non-polymer 'CHLORIDE ION' 'Cl -1'
EDO non-polymer 1,2-ETHANEDIOL 'C2 H6 O2'
PEG non-polymer DI(HYDROXYETHYL)ETHER 'C4 H10 O3'
#
# COMPACT_ATOMS: atom_id res chain seq x y z
N LYS A 25 -14.61 14.94 5.68
CA LYS A 25 -13.77 15.88 4.88
C LYS A 25 -13.06 15.09 3.81
N GLU A 26 -12.59 15.78 2.79
CA GLU A 26 -11.91 15.13 1.70
C GLU A 26 -10.60 14.51 2.24
N MET A 27 -10.31 13.27 1.83
CA MET A 27 -9.00 12.63 2.12
C MET A 27 -7.90 13.26 1.32
N ARG A 28 -6.83 13.68 2.01
CA ARG A 28 -5.71 14.32 1.35
C ARG A 28 -4.42 13.72 1.95
N ALA A 29 -4.04 12.55 1.44
CA ALA A 29 -2.97 11.75 2.07
C ALA A 29 -1.70 11.77 1.27
N ALA A 30 -0.60 11.55 1.95
CA ALA A 30 0.66 11.29 1.30
C ALA A 30 1.23 9.97 1.82
N TRP A 31 1.74 9.16 0.89
CA TRP A 31 2.52 7.99 1.24
C TRP A 31 3.91 8.43 1.70
N ILE A 32 4.36 7.85 2.82
CA ILE A 32 5.73 8.00 3.31
C ILE A 32 6.32 6.57 3.33
N SER A 33 7.05 6.25 2.29
CA SER A 33 7.69 4.98 2.08
C SER A 33 9.03 4.93 2.77
N THR A 34 9.29 3.81 3.42
CA THR A 34 10.53 3.57 4.18
C THR A 34 11.44 2.54 3.49
N VAL A 35 10.91 1.79 2.53
CA VAL A 35 11.72 0.83 1.78
C VAL A 35 12.77 1.60 0.98
N TYR A 36 14.02 1.16 1.06
CA TYR A 36 15.15 1.88 0.47
C TYR A 36 15.22 3.34 0.94
N ASN A 37 14.65 3.64 2.11
CA ASN A 37 14.71 4.98 2.70
C ASN A 37 14.16 6.02 1.72
N LEU A 38 13.10 5.66 0.98
CA LEU A 38 12.63 6.52 -0.12
C LEU A 38 12.20 7.91 0.36
N ASP A 39 11.25 7.94 1.30
CA ASP A 39 10.75 9.18 1.86
C ASP A 39 11.29 9.50 3.25
N TRP A 40 11.43 8.49 4.10
CA TRP A 40 11.91 8.64 5.47
C TRP A 40 12.39 7.27 5.97
N PRO A 41 13.42 7.19 6.81
CA PRO A 41 14.35 8.28 7.17
C PRO A 41 15.46 8.42 6.15
N LYS A 42 15.93 9.66 5.95
CA LYS A 42 17.06 9.89 5.05
C LYS A 42 18.34 9.38 5.70
N THR A 43 18.43 9.53 7.03
CA THR A 43 19.64 9.19 7.79
C THR A 43 19.43 7.90 8.59
N LYS A 44 20.43 7.02 8.58
CA LYS A 44 20.42 5.80 9.41
C LYS A 44 21.28 6.05 10.64
N ASN A 45 20.98 5.33 11.73
CA ASN A 45 21.79 5.36 12.95
C ASN A 45 21.96 6.74 13.53
N ASN A 46 20.83 7.43 13.65
CA ASN A 46 20.84 8.76 14.25
C ASN A 46 19.41 9.14 14.64
N GLU A 47 19.04 8.76 15.86
CA GLU A 47 17.69 8.97 16.33
C GLU A 47 17.23 10.43 16.22
N ALA A 48 18.06 11.34 16.71
CA ALA A 48 17.65 12.75 16.72
C ALA A 48 17.40 13.26 15.29
N LYS A 49 18.27 12.88 14.36
CA LYS A 49 18.13 13.36 13.01
C LYS A 49 16.91 12.71 12.32
N GLN A 50 16.64 11.45 12.64
CA GLN A 50 15.49 10.77 12.08
C GLN A 50 14.21 11.46 12.56
N LYS A 51 14.16 11.79 13.83
CA LYS A 51 13.01 12.49 14.40
C LYS A 51 12.82 13.85 13.69
N LYS A 52 13.90 14.62 13.55
CA LYS A 52 13.78 15.94 12.92
C LYS A 52 13.39 15.83 11.42
N GLU A 53 13.97 14.85 10.71
CA GLU A 53 13.59 14.61 9.32
C GLU A 53 12.06 14.35 9.18
N TYR A 54 11.49 13.61 10.14
CA TYR A 54 10.07 13.31 10.12
C TYR A 54 9.21 14.54 10.41
N THR A 55 9.55 15.28 11.45
CA THR A 55 8.73 16.45 11.76
C THR A 55 8.80 17.52 10.67
N ASP A 56 9.98 17.69 10.12
CA ASP A 56 10.13 18.63 9.02
C ASP A 56 9.30 18.21 7.81
N LEU A 57 9.27 16.90 7.55
CA LEU A 57 8.45 16.36 6.46
C LEU A 57 6.96 16.61 6.74
N LEU A 58 6.49 16.30 7.94
CA LEU A 58 5.08 16.54 8.23
C LEU A 58 4.73 18.01 8.12
N ASP A 59 5.65 18.88 8.58
CA ASP A 59 5.35 20.30 8.50
C ASP A 59 5.14 20.74 7.06
N LYS A 60 5.97 20.25 6.16
CA LYS A 60 5.86 20.62 4.75
CA LYS A 60 5.86 20.59 4.73
C LYS A 60 4.54 20.04 4.16
N LEU A 61 4.20 18.79 4.50
CA LEU A 61 2.95 18.20 4.01
C LEU A 61 1.72 18.98 4.54
N LYS A 62 1.73 19.28 5.83
CA LYS A 62 0.61 19.99 6.42
C LYS A 62 0.43 21.35 5.71
N SER A 63 1.55 21.99 5.43
CA SER A 63 1.53 23.31 4.81
C SER A 63 0.82 23.39 3.46
N VAL A 64 0.71 22.26 2.76
CA VAL A 64 0.00 22.23 1.46
C VAL A 64 -1.37 21.61 1.51
N GLY A 65 -1.81 21.24 2.71
CA GLY A 65 -3.15 20.69 2.89
C GLY A 65 -3.25 19.19 3.13
N ILE A 66 -2.12 18.49 3.21
CA ILE A 66 -2.15 17.06 3.53
C ILE A 66 -2.69 16.87 4.95
N ASN A 67 -3.67 15.97 5.07
CA ASN A 67 -4.31 15.68 6.35
C ASN A 67 -4.11 14.29 6.86
N THR A 68 -3.36 13.46 6.13
CA THR A 68 -3.20 12.02 6.47
C THR A 68 -1.83 11.57 6.03
N ALA A 69 -1.10 10.90 6.91
CA ALA A 69 0.21 10.33 6.58
C ALA A 69 0.01 8.83 6.54
N VAL A 70 0.44 8.21 5.47
CA VAL A 70 0.34 6.73 5.26
C VAL A 70 1.77 6.22 5.29
N VAL A 71 2.19 5.68 6.44
CA VAL A 71 3.61 5.46 6.73
C VAL A 71 3.91 3.97 6.75
N GLN A 72 4.91 3.54 5.98
CA GLN A 72 5.25 2.13 5.76
C GLN A 72 5.99 1.58 6.95
N VAL A 73 5.23 0.92 7.84
CA VAL A 73 5.76 0.35 9.06
C VAL A 73 6.30 -1.07 8.90
N ARG A 74 5.90 -1.73 7.80
CA ARG A 74 6.39 -3.08 7.41
C ARG A 74 6.76 -3.06 5.95
N PRO A 75 7.96 -2.54 5.63
CA PRO A 75 8.39 -2.55 4.25
C PRO A 75 8.88 -3.88 3.75
N LYS A 76 9.33 -4.77 4.65
CA LYS A 76 10.06 -5.99 4.23
C LYS A 76 10.05 -7.02 5.35
N SER A 77 8.86 -7.55 5.63
CA SER A 77 8.63 -8.54 6.74
C SER A 77 9.35 -8.14 8.03
N ASP A 78 9.24 -6.87 8.36
CA ASP A 78 10.03 -6.22 9.40
C ASP A 78 9.16 -5.16 10.04
N ALA A 79 9.75 -4.37 10.94
CA ALA A 79 8.95 -3.47 11.75
C ALA A 79 9.74 -2.20 12.05
N LEU A 80 9.07 -1.07 11.85
CA LEU A 80 9.57 0.19 12.40
C LEU A 80 8.88 0.50 13.73
N TYR A 81 8.74 -0.55 14.56
CA TYR A 81 8.06 -0.46 15.86
C TYR A 81 8.55 -1.65 16.67
N LYS A 82 8.36 -1.57 17.99
CA LYS A 82 8.70 -2.63 18.92
C LYS A 82 7.70 -3.77 18.75
N SER A 83 8.22 -4.98 18.51
CA SER A 83 7.42 -6.15 18.16
C SER A 83 7.98 -7.39 18.85
N ASN A 84 7.10 -8.30 19.22
CA ASN A 84 7.46 -9.62 19.70
C ASN A 84 7.27 -10.68 18.57
N ILE A 85 7.03 -10.24 17.34
CA ILE A 85 6.76 -11.12 16.18
C ILE A 85 7.77 -10.88 15.04
N ASN A 86 8.00 -9.62 14.68
CA ASN A 86 8.74 -9.27 13.48
C ASN A 86 9.98 -8.50 13.85
N PRO A 87 11.05 -8.63 13.04
CA PRO A 87 12.35 -8.03 13.37
C PRO A 87 12.40 -6.54 13.05
N TRP A 88 13.27 -5.80 13.77
CA TRP A 88 13.49 -4.39 13.42
C TRP A 88 13.90 -4.22 11.98
N SER A 89 13.35 -3.22 11.32
CA SER A 89 13.66 -2.97 9.91
C SER A 89 15.10 -2.51 9.70
N GLU A 90 15.75 -3.05 8.68
CA GLU A 90 17.08 -2.64 8.30
C GLU A 90 17.13 -1.19 7.86
N TYR A 91 15.99 -0.57 7.53
CA TYR A 91 16.07 0.80 6.99
C TYR A 91 16.30 1.85 8.07
N LEU A 92 16.21 1.48 9.34
CA LEU A 92 16.54 2.39 10.43
C LEU A 92 18.04 2.49 10.71
N THR A 93 18.71 1.33 10.69
CA THR A 93 20.14 1.23 11.07
C THR A 93 21.15 0.74 9.99
N GLY A 94 20.55 0.07 8.97
CA GLY A 94 21.38 -0.61 7.94
C GLY A 94 21.42 -2.11 8.16
N THR A 95 20.95 -2.60 9.31
CA THR A 95 21.02 -4.03 9.68
C THR A 95 19.68 -4.59 10.15
N GLN A 96 19.15 -5.63 9.46
CA GLN A 96 17.86 -6.18 9.87
C GLN A 96 18.00 -6.79 11.25
N GLY A 97 17.03 -6.49 12.10
CA GLY A 97 16.98 -7.04 13.43
C GLY A 97 17.66 -6.18 14.47
N LYS A 98 18.40 -5.17 14.05
CA LYS A 98 19.16 -4.32 14.99
C LYS A 98 18.25 -3.29 15.66
N ASP A 99 18.24 -3.28 17.00
CA ASP A 99 17.45 -2.33 17.76
C ASP A 99 18.04 -0.95 17.52
N PRO A 100 17.21 0.01 17.05
CA PRO A 100 17.73 1.35 16.80
C PRO A 100 17.87 2.22 18.06
N GLY A 101 17.55 1.67 19.23
CA GLY A 101 17.73 2.39 20.49
C GLY A 101 16.52 3.21 20.88
N TYR A 102 15.47 3.21 20.05
CA TYR A 102 14.20 3.82 20.38
C TYR A 102 13.16 3.16 19.50
N ASP A 103 11.90 3.32 19.86
CA ASP A 103 10.79 2.82 19.04
C ASP A 103 10.28 4.02 18.26
N PRO A 104 10.46 4.03 16.92
CA PRO A 104 10.01 5.21 16.17
C PRO A 104 8.50 5.39 16.13
N LEU A 105 7.73 4.32 16.22
CA LEU A 105 6.31 4.44 15.90
C LEU A 105 5.49 5.40 16.79
N PRO A 106 5.70 5.36 18.13
CA PRO A 106 4.98 6.34 18.99
C PRO A 106 5.24 7.78 18.53
N PHE A 107 6.50 8.08 18.20
CA PHE A 107 6.85 9.41 17.72
C PHE A 107 6.17 9.76 16.39
N LEU A 108 6.16 8.77 15.50
CA LEU A 108 5.55 9.00 14.18
C LEU A 108 4.05 9.31 14.30
N ILE A 109 3.39 8.60 15.23
CA ILE A 109 1.97 8.78 15.47
C ILE A 109 1.66 10.07 16.25
N GLU A 110 2.38 10.26 17.37
CA GLU A 110 2.07 11.37 18.23
C GLU A 110 2.36 12.71 17.52
N GLU A 111 3.41 12.75 16.70
CA GLU A 111 3.70 13.96 16.00
C GLU A 111 2.72 14.25 14.86
N ALA A 112 2.19 13.22 14.21
CA ALA A 112 1.09 13.42 13.28
C ALA A 112 -0.12 13.96 13.99
N HIS A 113 -0.48 13.34 15.11
CA HIS A 113 -1.68 13.77 15.78
C HIS A 113 -1.61 15.20 16.35
N LYS A 114 -0.44 15.60 16.83
CA LYS A 114 -0.30 16.99 17.34
C LYS A 114 -0.50 18.02 16.23
N ARG A 115 -0.28 17.62 14.98
CA ARG A 115 -0.50 18.47 13.83
C ARG A 115 -1.90 18.27 13.19
N GLY A 116 -2.80 17.56 13.86
CA GLY A 116 -4.13 17.35 13.33
C GLY A 116 -4.18 16.44 12.11
N MET A 117 -3.18 15.57 11.98
CA MET A 117 -3.10 14.66 10.85
C MET A 117 -3.40 13.24 11.30
N GLU A 118 -4.14 12.50 10.48
CA GLU A 118 -4.39 11.10 10.72
C GLU A 118 -3.18 10.27 10.29
N PHE A 119 -3.09 9.09 10.88
CA PHE A 119 -1.95 8.21 10.67
C PHE A 119 -2.47 6.84 10.27
N HIS A 120 -2.14 6.40 9.08
CA HIS A 120 -2.44 5.04 8.59
C HIS A 120 -1.12 4.26 8.53
N ALA A 121 -1.08 3.13 9.23
CA ALA A 121 0.06 2.21 9.22
C ALA A 121 -0.01 1.33 7.99
N TRP A 122 1.02 1.43 7.14
CA TRP A 122 1.10 0.72 5.90
C TRP A 122 2.02 -0.53 6.05
N PHE A 123 1.46 -1.65 5.64
CA PHE A 123 2.12 -2.95 5.69
C PHE A 123 2.22 -3.57 4.28
N ASN A 124 3.34 -4.25 4.01
CA ASN A 124 3.46 -5.14 2.85
C ASN A 124 3.28 -6.58 3.40
N PRO A 125 2.20 -7.29 3.04
CA PRO A 125 1.95 -8.55 3.73
C PRO A 125 2.97 -9.67 3.42
N TYR A 126 3.24 -9.94 2.14
CA TYR A 126 3.92 -11.20 1.73
C TYR A 126 5.42 -11.08 1.41
N ARG A 127 5.96 -9.86 1.22
CA ARG A 127 7.36 -9.75 0.86
C ARG A 127 8.22 -10.27 1.99
N ILE A 128 9.28 -10.97 1.63
CA ILE A 128 10.35 -11.36 2.57
C ILE A 128 11.69 -10.75 2.13
N THR A 129 12.16 -11.04 0.92
CA THR A 129 13.46 -10.54 0.49
C THR A 129 13.39 -9.68 -0.73
N MET A 130 14.49 -8.96 -0.98
CA MET A 130 14.74 -8.26 -2.23
C MET A 130 15.64 -9.15 -3.10
N ALA A 131 15.84 -8.71 -4.34
CA ALA A 131 16.51 -9.54 -5.33
C ALA A 131 17.83 -10.09 -4.82
N ASP A 132 18.03 -11.38 -5.00
CA ASP A 132 19.32 -12.05 -4.77
C ASP A 132 19.77 -12.12 -3.31
N GLU A 133 18.89 -11.78 -2.38
CA GLU A 133 19.25 -11.82 -0.95
C GLU A 133 19.08 -13.24 -0.49
N SER A 134 19.99 -13.69 0.36
CA SER A 134 19.99 -15.08 0.80
C SER A 134 19.02 -15.22 1.95
N ILE A 135 18.11 -16.18 1.81
CA ILE A 135 17.16 -16.53 2.85
C ILE A 135 17.91 -16.98 4.13
N ASP A 136 19.06 -17.64 3.95
CA ASP A 136 19.87 -18.13 5.07
C ASP A 136 20.49 -17.08 6.00
N LYS A 137 20.57 -15.82 5.55
CA LYS A 137 21.15 -14.71 6.32
C LYS A 137 20.11 -13.92 7.14
N LEU A 138 18.85 -14.33 7.15
CA LEU A 138 17.85 -13.64 7.99
C LEU A 138 18.18 -13.85 9.48
N PRO A 139 17.72 -12.94 10.36
CA PRO A 139 17.93 -13.17 11.80
C PRO A 139 17.28 -14.44 12.31
N ALA A 140 17.89 -15.08 13.31
CA ALA A 140 17.40 -16.36 13.87
C ALA A 140 15.91 -16.38 14.22
N ASN A 141 15.41 -15.28 14.75
CA ASN A 141 14.02 -15.21 15.19
C ASN A 141 13.04 -14.76 14.09
N HIS A 142 13.52 -14.60 12.86
CA HIS A 142 12.69 -14.11 11.77
C HIS A 142 11.61 -15.17 11.46
N PRO A 143 10.32 -14.75 11.34
CA PRO A 143 9.29 -15.75 11.03
C PRO A 143 9.56 -16.66 9.85
N ALA A 144 10.21 -16.15 8.81
CA ALA A 144 10.49 -16.96 7.62
C ALA A 144 11.59 -18.03 7.92
N LYS A 145 12.50 -17.69 8.82
CA LYS A 145 13.53 -18.64 9.24
C LYS A 145 12.94 -19.70 10.17
N LYS A 146 12.03 -19.30 11.05
CA LYS A 146 11.37 -20.27 11.93
C LYS A 146 10.36 -21.16 11.23
N ASN A 147 9.84 -20.71 10.07
CA ASN A 147 8.80 -21.42 9.39
C ASN A 147 9.13 -21.56 7.91
N PRO A 148 10.13 -22.39 7.59
CA PRO A 148 10.46 -22.55 6.18
C PRO A 148 9.30 -23.07 5.33
N SER A 149 8.33 -23.76 5.93
CA SER A 149 7.14 -24.24 5.23
C SER A 149 6.31 -23.06 4.63
N TRP A 150 6.46 -21.89 5.23
CA TRP A 150 5.67 -20.71 4.82
C TRP A 150 6.22 -19.99 3.60
N VAL A 151 7.42 -20.37 3.15
CA VAL A 151 8.17 -19.52 2.26
C VAL A 151 8.21 -20.12 0.85
N VAL A 152 8.01 -19.26 -0.15
CA VAL A 152 8.08 -19.65 -1.55
C VAL A 152 9.07 -18.75 -2.28
N LYS A 153 9.95 -19.35 -3.07
CA LYS A 153 10.87 -18.61 -3.90
C LYS A 153 10.23 -18.38 -5.26
N HIS A 154 10.28 -17.11 -5.72
CA HIS A 154 9.76 -16.74 -7.05
C HIS A 154 10.82 -15.87 -7.67
N GLY A 155 11.40 -16.32 -8.80
CA GLY A 155 12.55 -15.66 -9.38
C GLY A 155 13.69 -15.62 -8.37
N ASN A 156 14.20 -14.43 -8.13
CA ASN A 156 15.29 -14.25 -7.18
C ASN A 156 14.85 -13.67 -5.84
N LYS A 157 13.58 -13.84 -5.50
CA LYS A 157 13.03 -13.30 -4.27
C LYS A 157 12.18 -14.36 -3.57
N TYR A 158 11.97 -14.14 -2.29
CA TYR A 158 11.18 -15.00 -1.44
C TYR A 158 9.98 -14.27 -0.86
N TYR A 159 8.89 -15.03 -0.69
CA TYR A 159 7.56 -14.53 -0.30
C TYR A 159 6.92 -15.49 0.67
N TYR A 160 6.07 -14.95 1.54
CA TYR A 160 5.15 -15.82 2.27
C TYR A 160 4.09 -16.36 1.31
N ASP A 161 3.65 -17.58 1.52
CA ASP A 161 2.65 -18.24 0.66
C ASP A 161 1.24 -17.78 1.05
N PRO A 162 0.58 -17.01 0.17
CA PRO A 162 -0.77 -16.52 0.52
C PRO A 162 -1.79 -17.64 0.73
N GLY A 163 -1.50 -18.84 0.24
CA GLY A 163 -2.43 -19.94 0.36
C GLY A 163 -2.40 -20.75 1.62
N LEU A 164 -1.49 -20.44 2.56
CA LEU A 164 -1.43 -21.19 3.80
C LEU A 164 -2.25 -20.51 4.85
N PRO A 165 -3.10 -21.29 5.54
CA PRO A 165 -3.82 -20.66 6.62
C PRO A 165 -2.91 -20.09 7.73
N GLU A 166 -1.78 -20.75 8.02
CA GLU A 166 -0.88 -20.22 9.04
C GLU A 166 -0.26 -18.89 8.62
N VAL A 167 0.00 -18.72 7.33
CA VAL A 167 0.56 -17.47 6.85
C VAL A 167 -0.47 -16.35 7.03
N ARG A 168 -1.71 -16.61 6.69
CA ARG A 168 -2.74 -15.60 6.87
C ARG A 168 -2.88 -15.22 8.35
N LYS A 169 -2.89 -16.23 9.21
CA LYS A 169 -2.98 -15.97 10.65
C LYS A 169 -1.81 -15.14 11.13
N TYR A 170 -0.61 -15.48 10.66
CA TYR A 170 0.57 -14.70 11.08
C TYR A 170 0.47 -13.23 10.63
N ILE A 171 0.02 -12.99 9.42
CA ILE A 171 -0.18 -11.62 8.96
C ILE A 171 -1.24 -10.90 9.80
N VAL A 172 -2.36 -11.58 10.02
CA VAL A 172 -3.40 -11.01 10.90
C VAL A 172 -2.82 -10.64 12.27
N ASP A 173 -2.10 -11.58 12.86
CA ASP A 173 -1.54 -11.36 14.17
C ASP A 173 -0.52 -10.24 14.18
N SER A 174 0.25 -10.12 13.10
CA SER A 174 1.25 -9.05 12.99
C SER A 174 0.58 -7.67 12.97
N ILE A 175 -0.54 -7.57 12.25
CA ILE A 175 -1.28 -6.32 12.25
CA ILE A 175 -1.30 -6.30 12.20
C ILE A 175 -1.99 -6.05 13.57
N ALA A 176 -2.54 -7.12 14.15
CA ALA A 176 -3.28 -6.96 15.41
C ALA A 176 -2.38 -6.39 16.51
N GLU A 177 -1.10 -6.79 16.50
CA GLU A 177 -0.17 -6.26 17.50
C GLU A 177 -0.09 -4.73 17.43
N VAL A 178 -0.02 -4.23 16.20
CA VAL A 178 0.09 -2.80 16.00
C VAL A 178 -1.22 -2.08 16.37
N VAL A 179 -2.36 -2.68 15.99
CA VAL A 179 -3.66 -2.12 16.36
C VAL A 179 -3.82 -2.04 17.87
N GLN A 180 -3.42 -3.10 18.56
CA GLN A 180 -3.56 -3.15 20.02
CA GLN A 180 -3.58 -3.14 20.02
C GLN A 180 -2.69 -2.09 20.70
N ASN A 181 -1.44 -1.95 20.22
CA ASN A 181 -0.41 -1.29 20.99
C ASN A 181 -0.14 0.16 20.59
N TYR A 182 -0.73 0.65 19.49
CA TYR A 182 -0.42 1.97 18.97
C TYR A 182 -1.69 2.69 18.55
N ASP A 183 -1.68 4.00 18.64
CA ASP A 183 -2.89 4.82 18.38
C ASP A 183 -3.04 5.16 16.91
N ILE A 184 -3.02 4.14 16.07
CA ILE A 184 -3.23 4.34 14.67
C ILE A 184 -4.65 4.70 14.33
N ASP A 185 -4.85 5.37 13.20
CA ASP A 185 -6.21 5.67 12.69
C ASP A 185 -6.66 4.75 11.57
N GLY A 186 -5.69 4.09 10.93
CA GLY A 186 -5.96 3.18 9.79
C GLY A 186 -4.87 2.16 9.62
N VAL A 187 -5.23 1.08 8.93
CA VAL A 187 -4.29 0.05 8.44
C VAL A 187 -4.42 0.05 6.91
N HIS A 188 -3.28 0.04 6.23
CA HIS A 188 -3.21 0.18 4.81
C HIS A 188 -2.30 -0.91 4.20
N PHE A 189 -2.77 -1.59 3.15
CA PHE A 189 -1.90 -2.43 2.31
C PHE A 189 -1.78 -1.76 0.95
N ASP A 190 -0.58 -1.84 0.37
CA ASP A 190 -0.39 -1.38 -1.00
C ASP A 190 -0.61 -2.53 -1.98
N ASP A 191 0.05 -2.54 -3.13
CA ASP A 191 -0.45 -3.24 -4.30
C ASP A 191 0.19 -4.60 -4.55
N TYR A 192 1.01 -5.10 -3.62
CA TYR A 192 1.75 -6.34 -3.85
C TYR A 192 1.03 -7.51 -3.21
N PHE A 193 0.71 -8.50 -4.05
CA PHE A 193 0.05 -9.67 -3.61
C PHE A 193 0.85 -10.88 -4.12
N TYR A 194 0.34 -11.70 -5.01
CA TYR A 194 1.17 -12.73 -5.62
C TYR A 194 2.12 -12.01 -6.57
N PRO A 195 3.39 -12.50 -6.69
CA PRO A 195 4.34 -11.78 -7.51
C PRO A 195 4.26 -12.10 -8.96
N GLY A 196 3.47 -13.06 -9.38
CA GLY A 196 3.36 -13.26 -10.80
C GLY A 196 2.41 -14.33 -11.08
N VAL A 197 2.16 -14.49 -12.36
CA VAL A 197 1.16 -15.41 -12.83
C VAL A 197 1.45 -16.76 -12.23
N SER A 198 2.74 -17.18 -12.28
CA SER A 198 3.17 -18.41 -11.71
C SER A 198 3.75 -18.20 -10.30
N PHE A 199 3.73 -19.27 -9.54
CA PHE A 199 4.17 -19.21 -8.15
C PHE A 199 4.23 -20.67 -7.72
N ASN A 200 5.26 -21.05 -6.98
CA ASN A 200 5.46 -22.46 -6.65
C ASN A 200 4.67 -22.88 -5.41
N ASP A 201 3.35 -22.92 -5.60
CA ASP A 201 2.41 -23.28 -4.55
C ASP A 201 1.65 -24.55 -4.86
N THR A 202 2.16 -25.41 -5.73
CA THR A 202 1.40 -26.62 -6.10
C THR A 202 1.01 -27.44 -4.89
N ALA A 203 1.93 -27.62 -3.93
CA ALA A 203 1.61 -28.45 -2.78
C ALA A 203 0.51 -27.81 -1.94
N THR A 204 0.57 -26.50 -1.78
CA THR A 204 -0.45 -25.76 -1.05
C THR A 204 -1.80 -25.93 -1.74
N TYR A 205 -1.83 -25.79 -3.04
CA TYR A 205 -3.07 -25.97 -3.84
C TYR A 205 -3.63 -27.40 -3.70
N GLN A 206 -2.74 -28.37 -3.77
CA GLN A 206 -3.20 -29.75 -3.60
C GLN A 206 -3.82 -30.00 -2.24
N LYS A 207 -3.23 -29.41 -1.22
CA LYS A 207 -3.70 -29.64 0.14
C LYS A 207 -4.96 -28.89 0.48
N TYR A 208 -5.09 -27.65 -0.01
CA TYR A 208 -6.18 -26.76 0.42
C TYR A 208 -7.15 -26.35 -0.67
N GLY A 209 -6.85 -26.61 -1.92
CA GLY A 209 -7.61 -26.05 -3.04
C GLY A 209 -8.93 -26.71 -3.43
N LYS A 210 -9.18 -27.90 -2.93
CA LYS A 210 -10.46 -28.59 -3.18
C LYS A 210 -10.75 -28.80 -4.66
N GLY A 211 -9.71 -28.76 -5.50
CA GLY A 211 -9.89 -28.96 -6.92
C GLY A 211 -10.45 -27.77 -7.67
N GLN A 212 -10.58 -26.65 -6.98
CA GLN A 212 -11.07 -25.38 -7.57
C GLN A 212 -10.12 -24.91 -8.65
N ASN A 213 -10.65 -24.17 -9.63
CA ASN A 213 -9.80 -23.46 -10.56
C ASN A 213 -8.71 -22.75 -9.75
N LYS A 214 -7.47 -22.99 -10.14
CA LYS A 214 -6.38 -22.55 -9.31
C LYS A 214 -6.26 -21.03 -9.20
N ASP A 215 -6.55 -20.35 -10.29
CA ASP A 215 -6.43 -18.92 -10.28
C ASP A 215 -7.54 -18.30 -9.47
N ASN A 216 -8.74 -18.87 -9.48
CA ASN A 216 -9.80 -18.42 -8.63
C ASN A 216 -9.46 -18.66 -7.13
N TRP A 217 -8.84 -19.80 -6.86
CA TRP A 217 -8.40 -20.11 -5.51
C TRP A 217 -7.34 -19.10 -5.03
N ARG A 218 -6.39 -18.73 -5.88
CA ARG A 218 -5.39 -17.73 -5.50
C ARG A 218 -6.06 -16.38 -5.22
N ARG A 219 -7.01 -15.95 -6.06
CA ARG A 219 -7.75 -14.73 -5.76
C ARG A 219 -8.47 -14.80 -4.41
N GLU A 220 -9.06 -15.95 -4.14
CA GLU A 220 -9.74 -16.12 -2.87
C GLU A 220 -8.79 -16.12 -1.67
N ASN A 221 -7.58 -16.64 -1.84
CA ASN A 221 -6.60 -16.58 -0.78
C ASN A 221 -6.35 -15.14 -0.33
N VAL A 222 -6.22 -14.26 -1.31
CA VAL A 222 -6.00 -12.83 -1.04
C VAL A 222 -7.27 -12.24 -0.40
N ASN A 223 -8.43 -12.54 -0.95
CA ASN A 223 -9.69 -12.07 -0.37
C ASN A 223 -9.81 -12.45 1.09
N THR A 224 -9.47 -13.68 1.44
CA THR A 224 -9.57 -14.21 2.80
CA THR A 224 -9.75 -14.02 2.81
C THR A 224 -8.69 -13.45 3.75
N LEU A 225 -7.48 -13.14 3.31
CA LEU A 225 -6.55 -12.35 4.13
C LEU A 225 -7.16 -11.00 4.44
N LEU A 226 -7.62 -10.30 3.41
CA LEU A 226 -8.25 -9.01 3.63
C LEU A 226 -9.42 -9.07 4.58
N ARG A 227 -10.31 -10.01 4.34
CA ARG A 227 -11.45 -10.24 5.22
C ARG A 227 -11.01 -10.41 6.66
N ASP A 228 -10.04 -11.28 6.87
CA ASP A 228 -9.64 -11.64 8.23
C ASP A 228 -8.89 -10.50 8.93
N VAL A 229 -8.12 -9.71 8.19
CA VAL A 229 -7.47 -8.52 8.75
C VAL A 229 -8.54 -7.50 9.15
N LYS A 230 -9.51 -7.25 8.29
CA LYS A 230 -10.57 -6.32 8.63
C LYS A 230 -11.29 -6.76 9.90
N ALA A 231 -11.64 -8.05 9.95
CA ALA A 231 -12.36 -8.54 11.12
C ALA A 231 -11.55 -8.40 12.40
N SER A 232 -10.26 -8.67 12.32
CA SER A 232 -9.38 -8.56 13.48
C SER A 232 -9.37 -7.12 13.98
N ILE A 233 -9.12 -6.20 13.06
CA ILE A 233 -9.10 -4.77 13.39
C ILE A 233 -10.39 -4.37 14.08
N LYS A 234 -11.53 -4.77 13.50
CA LYS A 234 -12.83 -4.31 14.03
C LYS A 234 -13.10 -4.90 15.41
N SER A 235 -12.57 -6.10 15.68
CA SER A 235 -12.82 -6.72 16.98
C SER A 235 -12.01 -6.05 18.10
N ILE A 236 -11.02 -5.23 17.75
CA ILE A 236 -10.19 -4.51 18.70
C ILE A 236 -10.62 -3.03 18.77
N LYS A 237 -10.51 -2.32 17.64
CA LYS A 237 -10.87 -0.93 17.53
C LYS A 237 -11.80 -0.75 16.35
N PRO A 238 -13.11 -0.77 16.54
CA PRO A 238 -14.09 -0.72 15.42
C PRO A 238 -13.92 0.47 14.50
N ASN A 239 -13.43 1.60 15.02
CA ASN A 239 -13.38 2.83 14.20
C ASN A 239 -12.05 3.01 13.48
N VAL A 240 -11.09 2.10 13.66
CA VAL A 240 -9.90 2.10 12.81
C VAL A 240 -10.27 1.54 11.47
N VAL A 241 -9.88 2.28 10.43
CA VAL A 241 -10.24 1.91 9.03
C VAL A 241 -9.18 0.97 8.42
N PHE A 242 -9.62 0.20 7.45
CA PHE A 242 -8.75 -0.70 6.70
C PHE A 242 -8.92 -0.42 5.22
N GLY A 243 -7.81 -0.19 4.55
CA GLY A 243 -7.86 0.05 3.13
C GLY A 243 -6.70 -0.56 2.38
N VAL A 244 -6.91 -0.66 1.05
CA VAL A 244 -5.92 -1.24 0.17
C VAL A 244 -5.79 -0.36 -1.05
N SER A 245 -4.54 -0.27 -1.50
CA SER A 245 -4.20 0.43 -2.71
C SER A 245 -3.68 -0.54 -3.77
N PRO A 246 -4.58 -1.04 -4.66
CA PRO A 246 -4.18 -1.93 -5.75
C PRO A 246 -3.70 -1.14 -6.96
N ALA A 247 -3.13 -1.90 -7.88
CA ALA A 247 -2.80 -1.33 -9.18
C ALA A 247 -4.08 -0.77 -9.85
N GLY A 248 -3.87 0.14 -10.78
CA GLY A 248 -4.94 0.96 -11.33
C GLY A 248 -5.88 0.32 -12.34
N ILE A 249 -5.48 -0.84 -12.90
CA ILE A 249 -6.34 -1.60 -13.79
C ILE A 249 -6.66 -2.95 -13.09
N TRP A 250 -7.95 -3.25 -13.00
CA TRP A 250 -8.47 -4.49 -12.47
C TRP A 250 -8.53 -5.56 -13.59
N ARG A 251 -9.34 -5.28 -14.61
CA ARG A 251 -9.35 -6.09 -15.84
C ARG A 251 -9.62 -5.12 -17.00
N ASN A 252 -8.96 -5.36 -18.14
CA ASN A 252 -9.28 -4.66 -19.35
C ASN A 252 -10.60 -5.18 -19.96
N LYS A 253 -11.29 -4.30 -20.68
CA LYS A 253 -12.54 -4.64 -21.36
C LYS A 253 -12.36 -5.81 -22.33
N SER A 254 -11.17 -5.90 -22.92
CA SER A 254 -10.84 -7.01 -23.80
C SER A 254 -10.83 -8.40 -23.10
N SER A 255 -10.68 -8.42 -21.77
CA SER A 255 -10.78 -9.69 -20.98
C SER A 255 -12.14 -9.86 -20.30
N ASP A 256 -12.84 -8.77 -20.06
CA ASP A 256 -14.11 -8.80 -19.34
C ASP A 256 -14.91 -7.58 -19.80
N PRO A 257 -16.11 -7.76 -20.36
CA PRO A 257 -16.82 -6.60 -20.93
C PRO A 257 -17.19 -5.50 -19.94
N THR A 258 -17.13 -5.79 -18.63
CA THR A 258 -17.40 -4.81 -17.58
C THR A 258 -16.11 -4.19 -17.05
N GLY A 259 -14.96 -4.54 -17.63
CA GLY A 259 -13.70 -3.93 -17.25
C GLY A 259 -13.50 -2.56 -17.90
N SER A 260 -12.31 -2.02 -17.74
CA SER A 260 -12.00 -0.67 -18.19
C SER A 260 -11.48 -0.63 -19.62
N ASP A 261 -11.71 0.51 -20.28
CA ASP A 261 -11.30 0.68 -21.68
C ASP A 261 -9.82 1.01 -21.72
N THR A 262 -9.03 -0.03 -21.45
CA THR A 262 -7.60 0.09 -21.22
C THR A 262 -6.89 -1.13 -21.79
N SER A 263 -5.57 -1.09 -21.82
CA SER A 263 -4.72 -2.24 -22.22
C SER A 263 -3.55 -2.36 -21.21
N GLY A 264 -2.75 -3.42 -21.28
CA GLY A 264 -1.68 -3.60 -20.27
C GLY A 264 -2.11 -4.31 -18.98
N ASN A 265 -1.25 -4.21 -17.97
CA ASN A 265 -1.29 -5.17 -16.86
CA ASN A 265 -1.27 -5.13 -16.85
C ASN A 265 -2.52 -5.03 -16.00
N GLU A 266 -3.11 -6.20 -15.70
CA GLU A 266 -4.32 -6.33 -14.95
C GLU A 266 -4.06 -6.94 -13.59
N SER A 267 -4.58 -6.30 -12.54
CA SER A 267 -4.37 -6.82 -11.17
C SER A 267 -5.05 -8.17 -10.93
N TYR A 268 -6.16 -8.43 -11.63
CA TYR A 268 -6.92 -9.66 -11.47
C TYR A 268 -6.08 -10.91 -11.82
N VAL A 269 -5.26 -10.75 -12.88
N VAL A 269 -5.14 -10.74 -12.76
CA VAL A 269 -4.58 -11.80 -13.61
CA VAL A 269 -4.27 -11.80 -13.29
C VAL A 269 -3.12 -11.89 -13.16
C VAL A 269 -2.85 -11.64 -12.74
N GLY A 270 -2.50 -10.74 -13.00
N GLY A 270 -2.23 -12.73 -12.26
CA GLY A 270 -1.06 -10.67 -12.81
CA GLY A 270 -0.83 -12.71 -11.88
C GLY A 270 -0.58 -10.82 -11.38
C GLY A 270 -0.53 -12.20 -10.49
N THR A 271 -1.42 -10.47 -10.41
N THR A 271 -1.13 -11.06 -10.15
CA THR A 271 -1.10 -10.63 -8.96
CA THR A 271 -1.09 -10.59 -8.78
C THR A 271 -2.24 -11.20 -8.12
C THR A 271 -2.28 -11.18 -8.04
N TYR A 272 -3.35 -11.55 -8.76
CA TYR A 272 -4.53 -12.18 -8.12
C TYR A 272 -5.19 -11.27 -7.12
N ALA A 273 -5.27 -10.00 -7.47
CA ALA A 273 -5.88 -8.96 -6.68
C ALA A 273 -7.20 -8.60 -7.33
N ASP A 274 -8.25 -9.17 -6.83
CA ASP A 274 -9.61 -9.09 -7.37
C ASP A 274 -10.33 -7.94 -6.68
N THR A 275 -9.97 -6.73 -7.05
CA THR A 275 -10.44 -5.53 -6.32
C THR A 275 -11.96 -5.46 -6.36
N ARG A 276 -12.57 -5.85 -7.47
CA ARG A 276 -14.04 -5.84 -7.52
C ARG A 276 -14.64 -6.70 -6.44
N ALA A 277 -14.11 -7.90 -6.24
CA ALA A 277 -14.63 -8.76 -5.18
C ALA A 277 -14.47 -8.11 -3.83
N TRP A 278 -13.36 -7.46 -3.57
CA TRP A 278 -13.14 -6.82 -2.29
C TRP A 278 -14.22 -5.80 -2.04
N ILE A 279 -14.55 -5.03 -3.05
CA ILE A 279 -15.56 -3.99 -2.95
C ILE A 279 -16.93 -4.60 -2.77
N LYS A 280 -17.28 -5.57 -3.58
CA LYS A 280 -18.62 -6.12 -3.53
C LYS A 280 -18.91 -6.86 -2.26
N GLN A 281 -17.91 -7.54 -1.71
CA GLN A 281 -18.04 -8.28 -0.44
C GLN A 281 -17.74 -7.43 0.81
N GLY A 282 -17.33 -6.18 0.62
CA GLY A 282 -17.09 -5.30 1.74
C GLY A 282 -15.92 -5.76 2.61
N LEU A 283 -14.84 -6.17 1.95
CA LEU A 283 -13.69 -6.69 2.63
C LEU A 283 -12.73 -5.58 3.10
N ILE A 284 -13.01 -4.36 2.62
CA ILE A 284 -12.17 -3.20 2.90
C ILE A 284 -13.11 -2.02 3.19
N ASP A 285 -12.58 -1.05 3.92
CA ASP A 285 -13.31 0.21 4.12
C ASP A 285 -13.04 1.26 3.05
N TYR A 286 -11.84 1.20 2.45
CA TYR A 286 -11.45 2.14 1.40
C TYR A 286 -10.55 1.48 0.42
N VAL A 287 -10.51 2.04 -0.80
CA VAL A 287 -9.70 1.51 -1.88
C VAL A 287 -9.04 2.70 -2.58
N VAL A 288 -7.78 2.48 -2.97
CA VAL A 288 -6.94 3.53 -3.57
C VAL A 288 -6.30 3.05 -4.86
N PRO A 289 -7.07 2.94 -5.97
CA PRO A 289 -6.43 2.52 -7.20
C PRO A 289 -5.30 3.48 -7.56
N GLN A 290 -4.17 2.90 -8.02
CA GLN A 290 -3.01 3.69 -8.39
C GLN A 290 -3.14 4.10 -9.85
N LEU A 291 -3.64 5.33 -10.04
CA LEU A 291 -3.85 5.85 -11.39
C LEU A 291 -2.70 6.73 -11.77
N TYR A 292 -1.55 6.09 -11.93
CA TYR A 292 -0.31 6.82 -12.16
C TYR A 292 -0.04 7.01 -13.65
N TRP A 293 -1.01 7.62 -14.32
CA TRP A 293 -0.92 7.87 -15.73
C TRP A 293 -1.49 9.26 -16.02
N PRO A 294 -1.07 9.88 -17.13
CA PRO A 294 -1.68 11.12 -17.60
C PRO A 294 -3.07 10.95 -18.18
N ILE A 295 -3.83 12.04 -18.14
CA ILE A 295 -5.04 12.16 -18.94
C ILE A 295 -4.68 12.01 -20.41
N GLY A 296 -5.45 11.22 -21.14
CA GLY A 296 -5.25 11.01 -22.59
C GLY A 296 -4.31 9.88 -22.96
N LEU A 297 -3.71 9.19 -21.99
CA LEU A 297 -2.80 8.11 -22.36
C LEU A 297 -3.63 6.96 -22.89
N LYS A 298 -3.36 6.54 -24.12
CA LYS A 298 -4.22 5.56 -24.80
C LYS A 298 -4.42 4.24 -24.02
N ALA A 299 -3.32 3.65 -23.56
CA ALA A 299 -3.37 2.34 -22.86
C ALA A 299 -4.01 2.40 -21.50
N ALA A 300 -3.98 3.56 -20.84
CA ALA A 300 -4.42 3.64 -19.46
C ALA A 300 -4.79 5.10 -19.14
N ASP A 301 -5.91 5.53 -19.72
CA ASP A 301 -6.32 6.93 -19.72
C ASP A 301 -6.87 7.27 -18.36
N TYR A 302 -6.15 8.13 -17.66
CA TYR A 302 -6.61 8.59 -16.37
C TYR A 302 -8.09 8.98 -16.34
N SER A 303 -8.53 9.72 -17.33
CA SER A 303 -9.91 10.19 -17.33
CA SER A 303 -9.92 10.18 -17.43
C SER A 303 -10.92 9.01 -17.44
N LYS A 304 -10.59 7.97 -18.17
CA LYS A 304 -11.45 6.79 -18.28
C LYS A 304 -11.44 6.02 -16.99
N LEU A 305 -10.26 5.93 -16.37
CA LEU A 305 -10.15 5.16 -15.16
C LEU A 305 -10.83 5.80 -13.95
N VAL A 306 -10.78 7.12 -13.80
CA VAL A 306 -11.51 7.72 -12.68
C VAL A 306 -13.00 7.40 -12.78
N ALA A 307 -13.54 7.46 -13.98
CA ALA A 307 -14.96 7.13 -14.19
C ALA A 307 -15.28 5.67 -13.89
N TRP A 308 -14.39 4.80 -14.34
CA TRP A 308 -14.58 3.37 -14.14
C TRP A 308 -14.58 3.02 -12.64
N TRP A 309 -13.60 3.55 -11.92
CA TRP A 309 -13.51 3.29 -10.49
C TRP A 309 -14.65 3.93 -9.69
N ALA A 310 -15.07 5.14 -10.09
CA ALA A 310 -16.22 5.75 -9.43
C ALA A 310 -17.44 4.88 -9.56
N ASN A 311 -17.64 4.29 -10.73
CA ASN A 311 -18.75 3.39 -10.92
C ASN A 311 -18.62 2.10 -10.08
N GLU A 312 -17.42 1.57 -9.94
CA GLU A 312 -17.20 0.36 -9.12
C GLU A 312 -17.68 0.48 -7.68
N VAL A 313 -17.52 1.65 -7.07
CA VAL A 313 -17.93 1.81 -5.68
C VAL A 313 -19.36 2.32 -5.48
N LYS A 314 -20.02 2.68 -6.57
CA LYS A 314 -21.33 3.25 -6.49
C LYS A 314 -22.24 2.25 -5.81
N GLY A 315 -23.03 2.74 -4.86
CA GLY A 315 -23.95 1.91 -4.12
C GLY A 315 -23.34 1.07 -3.03
N THR A 316 -22.03 1.22 -2.78
CA THR A 316 -21.37 0.50 -1.68
C THR A 316 -20.97 1.53 -0.63
N ASN A 317 -20.50 1.05 0.52
CA ASN A 317 -19.96 1.90 1.54
C ASN A 317 -18.44 1.98 1.51
N VAL A 318 -17.81 1.54 0.40
CA VAL A 318 -16.35 1.60 0.26
C VAL A 318 -15.93 2.98 -0.25
N ASP A 319 -15.07 3.63 0.53
CA ASP A 319 -14.55 4.92 0.14
C ASP A 319 -13.47 4.80 -0.92
N LEU A 320 -13.66 5.60 -1.97
CA LEU A 320 -12.72 5.64 -3.08
C LEU A 320 -11.80 6.86 -3.01
N TYR A 321 -10.49 6.60 -2.98
CA TYR A 321 -9.50 7.69 -3.06
C TYR A 321 -8.66 7.38 -4.29
N ILE A 322 -8.22 8.41 -5.02
CA ILE A 322 -7.39 8.19 -6.19
C ILE A 322 -5.93 8.30 -5.82
N GLY A 323 -5.16 7.25 -6.19
CA GLY A 323 -3.72 7.33 -6.06
C GLY A 323 -3.14 8.17 -7.18
N GLN A 324 -2.44 9.25 -6.79
CA GLN A 324 -1.90 10.24 -7.72
C GLN A 324 -0.41 10.07 -7.88
N GLY A 325 0.03 9.93 -9.14
CA GLY A 325 1.43 9.65 -9.44
C GLY A 325 2.35 10.82 -9.64
N ILE A 326 2.44 11.66 -8.61
CA ILE A 326 3.19 12.90 -8.70
C ILE A 326 4.69 12.68 -8.84
N TYR A 327 5.18 11.47 -8.56
CA TYR A 327 6.56 11.12 -8.86
C TYR A 327 6.91 11.23 -10.35
N LYS A 328 5.91 11.09 -11.22
CA LYS A 328 6.13 11.24 -12.67
C LYS A 328 6.13 12.70 -13.03
N GLN A 329 7.32 13.19 -13.41
CA GLN A 329 7.56 14.60 -13.70
C GLN A 329 8.27 14.83 -15.01
N GLY A 330 7.92 14.02 -15.99
CA GLY A 330 8.48 14.20 -17.32
C GLY A 330 9.77 13.48 -17.57
N GLN A 331 10.21 12.58 -16.67
CA GLN A 331 11.53 11.92 -16.86
C GLN A 331 11.45 10.92 -18.03
N SER A 332 12.55 10.73 -18.76
CA SER A 332 12.57 9.71 -19.82
C SER A 332 12.32 8.30 -19.27
N SER A 333 12.76 8.05 -18.04
CA SER A 333 12.47 6.79 -17.35
C SER A 333 10.96 6.45 -17.31
N TYR A 334 10.10 7.47 -17.35
CA TYR A 334 8.64 7.27 -17.44
C TYR A 334 8.05 7.62 -18.81
N GLY A 335 8.87 7.52 -19.86
CA GLY A 335 8.45 7.89 -21.22
C GLY A 335 8.00 9.34 -21.38
N GLY A 336 8.54 10.24 -20.56
CA GLY A 336 8.13 11.63 -20.57
C GLY A 336 6.79 11.97 -19.93
N GLN A 337 6.12 10.98 -19.32
CA GLN A 337 4.85 11.25 -18.62
C GLN A 337 5.04 12.21 -17.46
N ASN A 338 4.19 13.23 -17.41
CA ASN A 338 4.31 14.25 -16.40
C ASN A 338 2.98 14.44 -15.77
N ILE A 339 2.79 13.75 -14.64
CA ILE A 339 1.57 13.85 -13.86
CA ILE A 339 1.57 13.82 -13.85
C ILE A 339 1.59 15.10 -12.97
N ALA A 340 2.73 15.40 -12.37
CA ALA A 340 2.82 16.54 -11.48
C ALA A 340 2.34 17.83 -12.17
N LYS A 341 2.76 18.04 -13.43
CA LYS A 341 2.39 19.24 -14.17
C LYS A 341 0.88 19.39 -14.38
N GLU A 342 0.15 18.26 -14.31
CA GLU A 342 -1.30 18.29 -14.53
C GLU A 342 -2.06 17.90 -13.32
N ILE A 343 -1.46 18.05 -12.15
CA ILE A 343 -2.17 17.55 -10.98
C ILE A 343 -3.44 18.37 -10.70
N VAL A 344 -3.44 19.67 -10.94
CA VAL A 344 -4.66 20.45 -10.73
C VAL A 344 -5.78 19.93 -11.65
N GLN A 345 -5.46 19.71 -12.90
CA GLN A 345 -6.41 19.14 -13.85
C GLN A 345 -6.95 17.78 -13.38
N GLN A 346 -6.08 16.90 -12.91
CA GLN A 346 -6.53 15.62 -12.42
C GLN A 346 -7.47 15.75 -11.24
N VAL A 347 -7.11 16.52 -10.22
CA VAL A 347 -7.94 16.59 -9.06
C VAL A 347 -9.25 17.33 -9.33
N THR A 348 -9.21 18.31 -10.23
CA THR A 348 -10.44 18.98 -10.67
C THR A 348 -11.42 17.97 -11.29
N LEU A 349 -10.91 17.06 -12.11
CA LEU A 349 -11.72 16.01 -12.69
C LEU A 349 -12.27 15.09 -11.60
N ASN A 350 -11.41 14.67 -10.68
CA ASN A 350 -11.86 13.80 -9.61
C ASN A 350 -13.07 14.38 -8.93
N ARG A 351 -13.03 15.67 -8.68
CA ARG A 351 -14.08 16.35 -7.94
C ARG A 351 -15.43 16.43 -8.66
N LYS A 352 -15.45 16.07 -9.93
CA LYS A 352 -16.71 15.93 -10.65
C LYS A 352 -17.48 14.66 -10.29
N TYR A 353 -16.82 13.73 -9.57
CA TYR A 353 -17.42 12.43 -9.23
C TYR A 353 -17.69 12.37 -7.75
N SER A 354 -18.97 12.30 -7.42
CA SER A 354 -19.33 12.27 -6.03
C SER A 354 -18.85 11.04 -5.27
N GLU A 355 -18.55 9.97 -6.02
CA GLU A 355 -18.04 8.74 -5.41
C GLU A 355 -16.58 8.87 -5.00
N ILE A 356 -15.84 9.84 -5.56
CA ILE A 356 -14.45 10.02 -5.18
C ILE A 356 -14.37 10.89 -3.94
N LYS A 357 -13.68 10.39 -2.91
CA LYS A 357 -13.65 11.01 -1.58
C LYS A 357 -12.32 11.62 -1.21
N GLY A 358 -11.41 11.66 -2.19
CA GLY A 358 -10.13 12.31 -2.05
C GLY A 358 -9.01 11.62 -2.76
N SER A 359 -7.77 11.84 -2.33
CA SER A 359 -6.56 11.46 -3.03
C SER A 359 -5.48 11.01 -2.03
N MET A 360 -4.58 10.17 -2.55
CA MET A 360 -3.32 9.83 -1.91
CA MET A 360 -3.35 9.77 -1.90
C MET A 360 -2.22 10.06 -2.88
N TYR A 361 -1.17 10.76 -2.46
CA TYR A 361 -0.08 11.20 -3.32
C TYR A 361 1.16 10.30 -3.13
N PHE A 362 1.64 9.75 -4.24
CA PHE A 362 2.89 9.01 -4.27
C PHE A 362 3.98 9.88 -4.84
N SER A 363 4.90 10.42 -4.02
CA SER A 363 5.04 10.18 -2.59
C SER A 363 5.39 11.49 -1.90
N ALA A 364 5.51 11.43 -0.59
CA ALA A 364 5.77 12.62 0.24
C ALA A 364 6.97 13.42 -0.19
N LYS A 365 8.07 12.75 -0.56
CA LYS A 365 9.27 13.48 -0.97
C LYS A 365 9.01 14.41 -2.17
N ASP A 366 8.09 13.98 -3.04
CA ASP A 366 7.85 14.79 -4.24
C ASP A 366 7.21 16.12 -3.90
N ILE A 367 6.33 16.10 -2.90
CA ILE A 367 5.78 17.33 -2.38
C ILE A 367 6.88 18.16 -1.70
N ALA A 368 7.62 17.51 -0.82
CA ALA A 368 8.70 18.22 -0.08
C ALA A 368 9.74 18.88 -0.99
N ASN A 369 10.07 18.22 -2.10
CA ASN A 369 11.20 18.64 -2.95
C ASN A 369 10.80 19.59 -4.08
N SER A 370 9.51 19.85 -4.26
CA SER A 370 9.03 20.67 -5.37
C SER A 370 8.15 21.85 -4.94
N THR A 371 8.65 23.05 -5.14
CA THR A 371 7.86 24.24 -4.90
C THR A 371 6.62 24.33 -5.81
N SER A 372 6.71 23.84 -7.04
CA SER A 372 5.56 23.85 -7.95
C SER A 372 4.44 22.92 -7.51
N ILE A 373 4.81 21.72 -7.07
CA ILE A 373 3.85 20.80 -6.54
C ILE A 373 3.21 21.38 -5.28
N GLN A 374 4.01 21.97 -4.42
CA GLN A 374 3.48 22.62 -3.22
C GLN A 374 2.44 23.67 -3.56
N LYS A 375 2.78 24.53 -4.52
CA LYS A 375 1.87 25.60 -4.94
C LYS A 375 0.54 25.04 -5.50
N ASP A 376 0.64 23.97 -6.32
CA ASP A 376 -0.56 23.35 -6.90
C ASP A 376 -1.45 22.72 -5.84
N LEU A 377 -0.87 21.98 -4.89
CA LEU A 377 -1.67 21.42 -3.83
C LEU A 377 -2.27 22.49 -2.93
N LYS A 378 -1.50 23.53 -2.60
CA LYS A 378 -2.09 24.66 -1.84
C LYS A 378 -3.31 25.20 -2.55
N SER A 379 -3.23 25.38 -3.87
CA SER A 379 -4.37 25.93 -4.60
C SER A 379 -5.60 24.96 -4.62
N LEU A 380 -5.36 23.65 -4.59
CA LEU A 380 -6.45 22.69 -4.51
C LEU A 380 -7.06 22.63 -3.12
N TYR A 381 -6.26 22.87 -2.08
CA TYR A 381 -6.69 22.58 -0.72
C TYR A 381 -6.88 23.76 0.22
N SER A 382 -6.76 24.96 -0.30
CA SER A 382 -6.94 26.14 0.55
C SER A 382 -8.20 26.91 0.18
CL CL B . -13.45 -19.17 5.45
C1 EDO C . 11.28 -5.57 16.57
O1 EDO C . 10.80 -4.59 15.68
C2 EDO C . 11.16 -5.10 17.93
O2 EDO C . 10.40 -5.95 18.75
C1 PEG D . -15.49 -5.73 24.16
O1 PEG D . -14.65 -6.18 25.22
C2 PEG D . -16.57 -4.75 24.61
O2 PEG D . -16.48 -3.53 23.83
C3 PEG D . -16.81 -3.61 22.43
C4 PEG D . -16.22 -2.42 21.69
O4 PEG D . -15.18 -2.80 20.71
#